data_1A5G
#
_entry.id   1A5G
#
_cell.length_a   70.810
_cell.length_b   72.250
_cell.length_c   72.790
_cell.angle_alpha   90.00
_cell.angle_beta   100.80
_cell.angle_gamma   90.00
#
_symmetry.space_group_name_H-M   'C 1 2 1'
#
loop_
_entity.id
_entity.type
_entity.pdbx_description
1 polymer 'ALPHA-THROMBIN (SMALL SUBUNIT)'
2 polymer 'ALPHA-THROMBIN (LARGE SUBUNIT)'
3 polymer HIRUGEN
4 non-polymer 'SODIUM ION'
5 non-polymer (1S,7S)-7-amino-7-benzyl-N-[(1S)-4-carbamimidamido-1-{(1S)-1-hydroxy-2-oxo-2-[(2-phenylethyl)amino]ethyl}butyl]-8-oxohexahydro-1H-pyrazolo[1,2-a]pyridazine-1-carboxamide
6 water water
#
loop_
_entity_poly.entity_id
_entity_poly.type
_entity_poly.pdbx_seq_one_letter_code
_entity_poly.pdbx_strand_id
1 'polypeptide(L)' TFGSGEADCGLRPLFEKKSLEDKTERELLESYIDGR L
2 'polypeptide(L)'
;IVEGSDAEIGMSPWQVMLFRKSPQELLCGASLISDRWVLTAAHCLLYPPWDKNFTENDLLVRIGKHSRTRYERNIEKISM
LEKIYIHPRYNWRENLDRDIALMKLKKPVAFSDYIHPVCLPDRETAASLLQAGYKGRVTGWGNLKETWTANVGKGQPSVL
QVVNLPIVERPVCKDSTRIRITDNMFCAGYKPDEGKRGDACEGDSGGPFVMKSPFNNRWYQMGIVSWGEGCDRDGKYGFY
THVFRLKKWIQKVIDQFGE
;
H
3 'polypeptide(L)' NGDFEEIPEE(TYS)L I
#
loop_
_chem_comp.id
_chem_comp.type
_chem_comp.name
_chem_comp.formula
00L peptide-like (1S,7S)-7-amino-7-benzyl-N-[(1S)-4-carbamimidamido-1-{(1S)-1-hydroxy-2-oxo-2-[(2-phenylethyl)amino]ethyl}butyl]-8-oxohexahydro-1H-pyrazolo[1,2-a]pyridazine-1-carboxamide 'C30 H42 N8 O4'
NA non-polymer 'SODIUM ION' 'Na 1'
#
# COMPACT_ATOMS: atom_id res chain seq x y z
N ALA A 7 -1.43 -18.49 3.78
CA ALA A 7 -1.90 -19.84 3.34
C ALA A 7 -3.11 -19.64 2.45
N ASP A 8 -3.96 -18.74 2.91
CA ASP A 8 -5.16 -18.28 2.18
C ASP A 8 -4.95 -16.85 1.59
N CYS A 9 -3.67 -16.42 1.71
CA CYS A 9 -3.33 -15.08 1.24
C CYS A 9 -3.82 -14.78 -0.18
N GLY A 10 -4.24 -13.53 -0.33
CA GLY A 10 -4.60 -12.97 -1.62
C GLY A 10 -5.86 -13.52 -2.26
N LEU A 11 -6.62 -14.38 -1.63
CA LEU A 11 -7.90 -14.88 -2.20
C LEU A 11 -8.99 -14.14 -1.36
N ARG A 12 -9.64 -13.24 -2.07
CA ARG A 12 -10.65 -12.35 -1.43
C ARG A 12 -11.94 -13.04 -1.11
N PRO A 13 -12.41 -12.98 0.11
CA PRO A 13 -13.69 -13.60 0.46
C PRO A 13 -14.79 -13.27 -0.49
N LEU A 14 -14.97 -12.04 -0.99
CA LEU A 14 -16.09 -11.62 -1.81
C LEU A 14 -15.83 -11.62 -3.27
N PHE A 15 -14.69 -12.11 -3.69
CA PHE A 15 -14.35 -12.14 -5.16
C PHE A 15 -13.83 -13.53 -5.46
N GLU A 16 -12.55 -13.84 -5.42
CA GLU A 16 -11.98 -15.13 -5.72
C GLU A 16 -12.65 -16.35 -5.12
N LYS A 17 -13.01 -16.31 -3.87
CA LYS A 17 -13.67 -17.35 -3.15
C LYS A 17 -15.10 -17.63 -3.59
N LYS A 18 -15.73 -16.71 -4.28
CA LYS A 18 -17.09 -16.82 -4.76
C LYS A 18 -17.01 -16.91 -6.28
N SER A 19 -15.79 -16.76 -6.79
CA SER A 19 -15.62 -16.74 -8.26
C SER A 19 -16.35 -15.56 -8.92
N LEU A 20 -16.31 -14.41 -8.18
CA LEU A 20 -16.81 -13.13 -8.74
C LEU A 20 -15.58 -12.30 -9.12
N GLU A 21 -15.64 -11.53 -10.13
CA GLU A 21 -14.51 -10.70 -10.55
C GLU A 21 -14.85 -9.23 -10.31
N ASP A 22 -13.89 -8.45 -9.90
CA ASP A 22 -14.11 -7.01 -9.71
C ASP A 22 -14.13 -6.42 -11.13
N LYS A 23 -14.70 -5.25 -11.07
CA LYS A 23 -15.00 -4.27 -12.11
C LYS A 23 -13.77 -3.97 -12.89
N THR A 24 -12.55 -4.10 -12.38
CA THR A 24 -11.42 -3.73 -13.26
C THR A 24 -10.30 -4.74 -13.20
N GLU A 25 -10.47 -5.87 -12.52
CA GLU A 25 -9.32 -6.77 -12.52
C GLU A 25 -8.93 -7.22 -13.88
N ARG A 26 -9.81 -7.28 -14.85
CA ARG A 26 -9.45 -7.81 -16.20
C ARG A 26 -8.40 -6.95 -16.87
N GLU A 27 -8.41 -5.65 -16.61
CA GLU A 27 -7.44 -4.69 -17.20
C GLU A 27 -6.01 -5.15 -16.83
N LEU A 28 -5.91 -5.56 -15.56
CA LEU A 28 -4.66 -6.13 -15.02
C LEU A 28 -4.26 -7.32 -15.88
N LEU A 29 -5.09 -8.35 -15.78
CA LEU A 29 -4.86 -9.60 -16.53
C LEU A 29 -4.61 -9.45 -17.98
N GLU A 30 -5.30 -8.53 -18.64
CA GLU A 30 -5.15 -8.31 -20.06
C GLU A 30 -3.80 -7.71 -20.42
N SER A 31 -3.12 -7.22 -19.42
CA SER A 31 -1.79 -6.57 -19.62
C SER A 31 -0.62 -7.55 -19.52
N TYR A 32 -0.87 -8.63 -18.81
CA TYR A 32 0.18 -9.67 -18.60
C TYR A 32 0.19 -10.36 -19.96
N ILE A 33 -0.24 -9.49 -20.85
CA ILE A 33 -0.53 -9.82 -22.29
C ILE A 33 -1.53 -10.92 -22.37
N ILE B 1 -5.36 9.35 -4.28
CA ILE B 1 -5.33 8.80 -5.61
C ILE B 1 -5.94 9.83 -6.54
N VAL B 2 -5.38 9.96 -7.70
CA VAL B 2 -5.77 10.88 -8.75
C VAL B 2 -6.28 10.13 -9.98
N GLU B 3 -7.49 10.44 -10.41
CA GLU B 3 -8.06 9.80 -11.59
C GLU B 3 -8.34 8.30 -11.33
N GLY B 4 -8.76 8.02 -10.12
CA GLY B 4 -9.10 6.66 -9.67
C GLY B 4 -10.63 6.51 -9.64
N SER B 5 -11.15 5.61 -8.84
CA SER B 5 -12.63 5.44 -8.73
C SER B 5 -12.89 4.86 -7.37
N ASP B 6 -14.09 4.96 -6.85
CA ASP B 6 -14.31 4.38 -5.50
C ASP B 6 -14.04 2.86 -5.59
N ALA B 7 -13.47 2.31 -4.58
CA ALA B 7 -13.23 0.84 -4.58
C ALA B 7 -14.60 0.19 -4.31
N GLU B 8 -14.80 -1.07 -4.64
CA GLU B 8 -15.99 -1.87 -4.29
C GLU B 8 -15.81 -2.39 -2.90
N ILE B 9 -16.86 -2.83 -2.22
CA ILE B 9 -16.74 -3.36 -0.86
C ILE B 9 -15.90 -4.63 -0.90
N GLY B 10 -15.04 -4.87 0.01
CA GLY B 10 -14.14 -6.03 0.09
C GLY B 10 -13.19 -6.17 -1.08
N MET B 11 -12.92 -5.13 -1.84
CA MET B 11 -12.01 -5.20 -3.01
C MET B 11 -10.53 -5.31 -2.65
N SER B 12 -10.11 -4.78 -1.53
CA SER B 12 -8.76 -4.75 -0.93
C SER B 12 -8.86 -4.96 0.55
N PRO B 13 -9.18 -6.17 0.90
CA PRO B 13 -9.33 -6.50 2.33
C PRO B 13 -8.04 -6.47 3.13
N TRP B 14 -6.91 -6.17 2.50
CA TRP B 14 -5.62 -6.09 3.17
C TRP B 14 -5.30 -4.61 3.46
N GLN B 15 -6.11 -3.74 2.87
CA GLN B 15 -5.95 -2.29 3.07
C GLN B 15 -6.16 -1.92 4.53
N VAL B 16 -5.20 -1.16 5.06
CA VAL B 16 -5.13 -0.73 6.45
C VAL B 16 -4.98 0.83 6.54
N MET B 17 -5.43 1.38 7.64
CA MET B 17 -5.37 2.81 7.86
C MET B 17 -4.42 3.04 9.03
N LEU B 18 -3.47 3.90 8.77
CA LEU B 18 -2.46 4.32 9.81
C LEU B 18 -3.10 5.52 10.49
N PHE B 19 -3.48 5.39 11.75
CA PHE B 19 -4.27 6.54 12.30
C PHE B 19 -3.69 7.04 13.60
N ARG B 20 -3.58 8.36 13.62
CA ARG B 20 -3.02 9.06 14.78
C ARG B 20 -4.09 9.25 15.87
N LYS B 21 -3.72 8.89 17.08
CA LYS B 21 -4.53 8.96 18.27
C LYS B 21 -4.95 10.39 18.68
N SER B 22 -3.98 11.28 18.53
CA SER B 22 -4.12 12.69 18.95
C SER B 22 -3.16 13.65 18.29
N PRO B 23 -3.57 14.55 17.45
CA PRO B 23 -4.95 14.72 17.00
C PRO B 23 -5.31 13.45 16.25
N GLN B 24 -6.59 13.17 16.11
CA GLN B 24 -7.01 11.91 15.44
C GLN B 24 -6.90 12.26 13.96
N GLU B 25 -6.05 11.57 13.24
CA GLU B 25 -5.90 11.88 11.81
C GLU B 25 -5.25 10.72 11.04
N LEU B 26 -5.58 10.68 9.75
CA LEU B 26 -4.99 9.70 8.85
C LEU B 26 -3.53 10.20 8.61
N LEU B 27 -2.65 9.28 8.81
CA LEU B 27 -1.20 9.30 8.67
C LEU B 27 -0.76 8.70 7.34
N CYS B 28 -1.13 7.45 7.11
CA CYS B 28 -0.73 6.73 5.88
C CYS B 28 -1.61 5.51 5.67
N GLY B 29 -1.43 4.86 4.54
CA GLY B 29 -2.03 3.57 4.26
C GLY B 29 -1.04 2.48 4.73
N ALA B 30 -1.45 1.21 4.58
CA ALA B 30 -0.58 0.09 5.03
C ALA B 30 -1.23 -1.17 4.46
N SER B 31 -0.59 -2.33 4.68
CA SER B 31 -1.21 -3.59 4.16
C SER B 31 -1.11 -4.71 5.17
N LEU B 32 -2.19 -5.52 5.25
CA LEU B 32 -2.20 -6.63 6.24
C LEU B 32 -1.55 -7.84 5.60
N ILE B 33 -0.47 -8.39 6.13
CA ILE B 33 0.21 -9.53 5.51
C ILE B 33 0.05 -10.83 6.28
N SER B 34 -0.51 -10.75 7.47
CA SER B 34 -0.74 -11.97 8.27
C SER B 34 -1.65 -11.50 9.38
N ASP B 35 -2.05 -12.30 10.34
CA ASP B 35 -2.99 -11.68 11.31
C ASP B 35 -2.30 -10.85 12.34
N ARG B 36 -1.00 -10.80 12.35
CA ARG B 36 -0.30 -9.99 13.40
C ARG B 36 0.67 -8.96 12.77
N TRP B 37 0.83 -8.97 11.47
CA TRP B 37 1.76 -8.08 10.78
C TRP B 37 1.16 -7.15 9.77
N VAL B 38 1.57 -5.89 9.84
CA VAL B 38 1.22 -4.84 8.88
C VAL B 38 2.49 -4.31 8.20
N LEU B 39 2.60 -4.03 6.96
CA LEU B 39 3.65 -3.56 6.12
C LEU B 39 3.33 -2.09 5.72
N THR B 40 4.34 -1.24 5.87
CA THR B 40 4.17 0.19 5.53
C THR B 40 5.47 0.78 5.00
N ALA B 41 5.44 2.03 4.64
CA ALA B 41 6.61 2.84 4.19
C ALA B 41 7.26 3.35 5.47
N ALA B 42 8.59 3.18 5.62
CA ALA B 42 9.31 3.65 6.83
C ALA B 42 9.09 5.17 7.05
N HIS B 43 8.98 5.87 6.00
CA HIS B 43 8.83 7.34 6.09
C HIS B 43 7.53 7.74 6.73
N CYS B 44 6.53 6.87 6.85
CA CYS B 44 5.27 7.20 7.54
C CYS B 44 5.50 7.30 9.04
N LEU B 45 6.58 6.67 9.48
CA LEU B 45 6.90 6.63 10.91
C LEU B 45 8.02 7.58 11.33
N LEU B 46 9.02 7.62 10.44
CA LEU B 46 10.23 8.36 10.72
C LEU B 46 10.71 9.12 9.49
N TYR B 47 10.70 10.46 9.74
CA TYR B 47 11.15 11.44 8.70
C TYR B 47 11.58 12.71 9.41
N PRO B 48 12.84 12.72 9.87
CA PRO B 48 13.44 13.85 10.64
C PRO B 48 13.32 15.21 10.00
N PRO B 49 13.55 15.35 8.72
CA PRO B 49 13.36 16.60 8.01
C PRO B 49 12.04 17.29 8.31
N TRP B 50 11.04 16.51 8.67
CA TRP B 50 9.71 17.03 8.98
C TRP B 50 9.37 16.82 10.45
N ASP B 51 10.36 16.50 11.24
CA ASP B 51 10.06 16.32 12.68
C ASP B 51 9.09 15.16 12.94
N LYS B 52 9.19 14.16 12.12
CA LYS B 52 8.31 12.95 12.25
C LYS B 52 9.06 11.77 12.85
N ASN B 53 8.64 11.34 14.04
CA ASN B 53 9.25 10.14 14.68
C ASN B 53 8.18 9.40 15.43
N PHE B 54 7.28 8.65 14.82
CA PHE B 54 6.23 8.05 15.70
C PHE B 54 6.65 6.75 16.33
N THR B 55 6.16 6.59 17.55
CA THR B 55 6.35 5.31 18.27
C THR B 55 5.00 4.56 18.37
N GLU B 56 5.07 3.36 18.81
CA GLU B 56 3.93 2.47 19.00
C GLU B 56 2.76 3.04 19.72
N ASN B 57 2.84 3.87 20.73
CA ASN B 57 1.65 4.42 21.42
C ASN B 57 1.02 5.58 20.67
N ASP B 58 1.73 6.05 19.68
CA ASP B 58 1.27 7.18 18.90
C ASP B 58 0.17 6.77 17.96
N LEU B 59 0.21 5.50 17.56
CA LEU B 59 -0.71 4.96 16.57
C LEU B 59 -1.61 3.78 16.91
N LEU B 60 -2.59 3.78 16.02
CA LEU B 60 -3.69 2.85 15.89
C LEU B 60 -3.75 2.42 14.42
N VAL B 61 -3.96 1.13 14.24
CA VAL B 61 -4.16 0.59 12.88
C VAL B 61 -5.65 0.19 12.84
N ARG B 62 -6.29 0.61 11.80
CA ARG B 62 -7.69 0.41 11.46
C ARG B 62 -7.79 -0.43 10.18
N ILE B 63 -8.33 -1.62 10.33
CA ILE B 63 -8.52 -2.63 9.28
C ILE B 63 -9.98 -2.88 8.92
N GLY B 64 -10.23 -3.11 7.65
CA GLY B 64 -11.54 -3.42 7.14
C GLY B 64 -12.39 -2.23 6.76
N LYS B 65 -11.72 -1.10 6.51
CA LYS B 65 -12.40 0.17 6.25
C LYS B 65 -12.68 0.34 4.77
N HIS B 66 -13.66 1.25 4.65
CA HIS B 66 -14.05 1.66 3.27
C HIS B 66 -14.13 3.20 3.30
N SER B 67 -14.86 3.60 4.34
CA SER B 67 -15.12 5.02 4.59
C SER B 67 -13.85 5.64 5.17
N ARG B 68 -13.47 6.78 4.63
CA ARG B 68 -12.30 7.50 5.13
C ARG B 68 -12.45 8.02 6.54
N THR B 69 -13.52 8.66 6.96
CA THR B 69 -13.73 9.24 8.27
C THR B 69 -14.66 8.56 9.22
N ARG B 70 -15.69 7.93 8.75
CA ARG B 70 -16.67 7.22 9.59
C ARG B 70 -16.13 6.08 10.36
N TYR B 71 -16.53 5.88 11.63
CA TYR B 71 -16.09 4.75 12.46
C TYR B 71 -16.98 3.55 12.13
N GLU B 72 -16.64 2.71 11.17
CA GLU B 72 -17.39 1.59 10.65
C GLU B 72 -17.71 0.44 11.56
N ARG B 73 -18.54 0.66 12.56
CA ARG B 73 -19.07 -0.19 13.62
C ARG B 73 -19.51 -1.55 13.09
N ASN B 74 -18.95 -2.60 13.66
CA ASN B 74 -19.20 -3.98 13.28
C ASN B 74 -18.49 -4.36 11.98
N ILE B 75 -17.79 -3.47 11.29
CA ILE B 75 -17.04 -3.86 10.09
C ILE B 75 -15.52 -3.84 10.32
N GLU B 76 -15.06 -2.64 10.68
CA GLU B 76 -13.63 -2.38 10.89
C GLU B 76 -13.11 -2.78 12.24
N LYS B 77 -11.87 -3.23 12.32
CA LYS B 77 -11.13 -3.59 13.52
C LYS B 77 -9.92 -2.63 13.69
N ILE B 78 -9.86 -2.08 14.89
CA ILE B 78 -8.85 -1.13 15.30
C ILE B 78 -7.84 -1.77 16.26
N SER B 79 -6.59 -2.00 15.90
CA SER B 79 -5.61 -2.51 16.87
C SER B 79 -4.52 -1.45 17.19
N MET B 80 -3.85 -1.83 18.27
CA MET B 80 -2.70 -1.29 18.93
C MET B 80 -1.46 -2.02 18.37
N LEU B 81 -0.34 -1.33 18.44
CA LEU B 81 0.92 -1.92 17.94
C LEU B 81 1.64 -2.44 19.18
N GLU B 82 2.35 -3.50 18.97
CA GLU B 82 3.20 -4.02 20.04
C GLU B 82 4.64 -3.49 19.77
N LYS B 83 4.98 -3.40 18.50
CA LYS B 83 6.28 -3.03 17.99
C LYS B 83 6.39 -2.50 16.59
N ILE B 84 7.25 -1.51 16.42
CA ILE B 84 7.60 -1.01 15.07
C ILE B 84 9.03 -1.49 14.70
N TYR B 85 9.27 -1.89 13.48
CA TYR B 85 10.51 -2.34 12.91
C TYR B 85 10.73 -1.62 11.59
N ILE B 86 11.75 -0.77 11.63
CA ILE B 86 12.14 -0.01 10.44
C ILE B 86 13.33 -0.66 9.77
N HIS B 87 13.42 -0.64 8.45
CA HIS B 87 14.65 -1.17 7.81
C HIS B 87 15.88 -0.38 8.27
N PRO B 88 16.90 -1.14 8.74
CA PRO B 88 18.10 -0.55 9.28
C PRO B 88 18.83 0.37 8.32
N ARG B 89 18.78 0.14 7.03
CA ARG B 89 19.41 0.99 6.04
C ARG B 89 18.47 1.85 5.22
N TYR B 90 17.37 2.20 5.84
CA TYR B 90 16.36 3.14 5.24
C TYR B 90 17.13 4.44 5.13
N ASN B 91 17.16 5.09 4.03
CA ASN B 91 17.87 6.36 3.80
C ASN B 91 16.94 7.54 3.82
N TRP B 92 16.59 8.13 4.95
CA TRP B 92 15.68 9.30 4.88
C TRP B 92 16.48 10.54 4.52
N ARG B 93 17.80 10.43 4.39
CA ARG B 93 18.59 11.62 4.10
C ARG B 93 18.66 11.99 2.64
N GLU B 94 18.66 11.00 1.77
CA GLU B 94 18.79 11.30 0.39
C GLU B 94 17.54 10.97 -0.41
N ASN B 95 17.19 9.67 -0.54
CA ASN B 95 16.16 9.34 -1.50
C ASN B 95 15.12 8.37 -1.08
N LEU B 96 14.91 8.18 0.18
CA LEU B 96 13.94 7.25 0.78
C LEU B 96 14.31 5.81 0.34
N ASP B 97 15.54 5.52 0.08
CA ASP B 97 16.01 4.18 -0.30
C ASP B 97 15.65 3.21 0.82
N ARG B 98 15.11 2.06 0.49
CA ARG B 98 14.64 1.07 1.51
C ARG B 98 13.50 1.59 2.37
N ASP B 99 12.52 2.24 1.79
CA ASP B 99 11.35 2.78 2.51
C ASP B 99 10.33 1.70 2.88
N ILE B 100 10.63 0.95 3.94
CA ILE B 100 9.81 -0.17 4.40
C ILE B 100 9.83 -0.35 5.90
N ALA B 101 8.70 -0.73 6.50
CA ALA B 101 8.68 -0.90 7.98
C ALA B 101 7.68 -2.05 8.24
N LEU B 102 7.87 -2.80 9.32
CA LEU B 102 6.89 -3.83 9.73
C LEU B 102 6.30 -3.37 11.05
N MET B 103 5.06 -3.66 11.32
CA MET B 103 4.41 -3.33 12.62
C MET B 103 3.76 -4.60 13.14
N LYS B 104 4.02 -5.01 14.35
CA LYS B 104 3.52 -6.22 15.02
C LYS B 104 2.37 -5.82 15.92
N LEU B 105 1.23 -6.49 15.71
CA LEU B 105 0.04 -6.04 16.49
C LEU B 105 0.03 -6.64 17.88
N LYS B 106 -0.60 -5.90 18.75
CA LYS B 106 -0.85 -6.32 20.13
C LYS B 106 -1.41 -7.75 20.09
N LYS B 107 -2.41 -7.98 19.22
CA LYS B 107 -3.05 -9.31 19.09
C LYS B 107 -3.39 -9.55 17.62
N PRO B 108 -3.55 -10.81 17.31
CA PRO B 108 -3.87 -11.20 15.94
C PRO B 108 -5.30 -10.75 15.69
N VAL B 109 -5.50 -10.27 14.49
CA VAL B 109 -6.84 -9.80 14.10
C VAL B 109 -7.52 -11.01 13.44
N ALA B 110 -8.86 -10.97 13.50
CA ALA B 110 -9.60 -12.08 12.86
C ALA B 110 -10.05 -11.62 11.47
N PHE B 111 -9.87 -12.57 10.58
CA PHE B 111 -10.28 -12.45 9.17
C PHE B 111 -11.79 -12.39 9.06
N SER B 112 -12.28 -11.87 7.93
CA SER B 112 -13.72 -11.68 7.70
C SER B 112 -13.88 -11.34 6.24
N ASP B 113 -15.02 -11.00 5.78
CA ASP B 113 -15.28 -10.65 4.37
C ASP B 113 -14.50 -9.40 3.91
N TYR B 114 -14.27 -8.53 4.85
CA TYR B 114 -13.61 -7.23 4.72
C TYR B 114 -12.13 -7.15 5.10
N ILE B 115 -11.61 -8.06 5.86
CA ILE B 115 -10.27 -8.26 6.41
C ILE B 115 -9.61 -9.58 6.01
N HIS B 116 -8.57 -9.51 5.21
CA HIS B 116 -7.92 -10.73 4.66
C HIS B 116 -6.51 -10.31 4.18
N PRO B 117 -5.49 -11.11 4.41
CA PRO B 117 -4.11 -10.78 4.06
C PRO B 117 -3.77 -10.88 2.61
N VAL B 118 -2.74 -10.14 2.19
CA VAL B 118 -2.24 -10.16 0.80
C VAL B 118 -1.03 -11.10 0.82
N CYS B 119 -0.60 -11.61 -0.32
CA CYS B 119 0.58 -12.47 -0.42
C CYS B 119 1.84 -11.63 -0.69
N LEU B 120 2.95 -12.09 -0.17
CA LEU B 120 4.26 -11.46 -0.45
C LEU B 120 4.79 -12.22 -1.65
N PRO B 121 5.42 -11.55 -2.57
CA PRO B 121 5.95 -12.24 -3.73
C PRO B 121 7.11 -13.15 -3.37
N ASP B 122 7.25 -14.11 -4.28
CA ASP B 122 8.32 -15.10 -4.30
C ASP B 122 9.13 -14.70 -5.55
N ARG B 123 10.34 -15.20 -5.57
CA ARG B 123 11.25 -14.96 -6.66
C ARG B 123 10.63 -15.12 -8.01
N GLU B 124 9.84 -16.12 -8.37
CA GLU B 124 9.36 -16.22 -9.76
C GLU B 124 8.12 -15.41 -10.01
N THR B 125 7.31 -15.25 -8.97
CA THR B 125 6.09 -14.42 -9.14
C THR B 125 6.64 -13.03 -9.59
N ALA B 126 7.67 -12.58 -8.89
CA ALA B 126 8.31 -11.30 -9.16
C ALA B 126 8.92 -11.29 -10.55
N ALA B 127 9.55 -12.37 -10.94
CA ALA B 127 10.22 -12.45 -12.25
C ALA B 127 9.30 -12.24 -13.40
N SER B 128 8.16 -12.97 -13.33
CA SER B 128 7.18 -12.85 -14.43
C SER B 128 6.27 -11.65 -14.32
N LEU B 129 5.99 -11.04 -13.18
CA LEU B 129 5.00 -9.96 -13.17
C LEU B 129 5.62 -8.58 -13.21
N LEU B 130 6.79 -8.45 -12.67
CA LEU B 130 7.43 -7.11 -12.60
C LEU B 130 8.04 -6.80 -13.95
N GLN B 131 7.24 -6.48 -14.92
CA GLN B 131 7.57 -6.17 -16.29
C GLN B 131 6.91 -4.87 -16.79
N ALA B 132 7.80 -4.06 -17.41
CA ALA B 132 7.36 -2.74 -17.92
C ALA B 132 6.12 -3.05 -18.75
N GLY B 133 5.07 -2.22 -18.65
CA GLY B 133 3.90 -2.56 -19.45
C GLY B 133 2.81 -3.24 -18.61
N TYR B 134 3.20 -4.14 -17.71
CA TYR B 134 2.18 -4.85 -16.89
C TYR B 134 1.57 -3.87 -15.91
N LYS B 135 0.36 -4.02 -15.53
CA LYS B 135 -0.31 -3.17 -14.58
C LYS B 135 -0.44 -3.74 -13.20
N GLY B 136 -0.45 -2.88 -12.22
CA GLY B 136 -0.69 -3.11 -10.85
C GLY B 136 -1.79 -2.15 -10.40
N ARG B 137 -2.26 -2.24 -9.20
CA ARG B 137 -3.32 -1.47 -8.60
C ARG B 137 -2.84 -0.83 -7.36
N VAL B 138 -3.21 0.48 -7.20
CA VAL B 138 -2.82 1.18 -5.97
C VAL B 138 -4.09 1.58 -5.25
N THR B 139 -4.11 1.58 -3.95
CA THR B 139 -5.37 1.98 -3.24
C THR B 139 -5.03 2.92 -2.13
N GLY B 140 -5.96 3.80 -1.76
CA GLY B 140 -5.71 4.71 -0.66
C GLY B 140 -6.81 5.77 -0.52
N TRP B 141 -6.79 6.36 0.66
CA TRP B 141 -7.64 7.50 1.05
C TRP B 141 -6.94 8.85 0.84
N GLY B 142 -5.87 8.88 0.03
CA GLY B 142 -5.10 10.11 -0.23
C GLY B 142 -5.85 11.11 -1.13
N ASN B 143 -5.15 12.24 -1.25
CA ASN B 143 -5.69 13.35 -2.04
C ASN B 143 -6.00 12.86 -3.45
N LEU B 144 -7.03 13.57 -3.91
CA LEU B 144 -7.67 13.38 -5.20
C LEU B 144 -7.01 14.28 -6.24
N LYS B 145 -6.36 15.28 -5.68
CA LYS B 145 -5.75 16.28 -6.56
C LYS B 145 -4.41 16.72 -5.96
N GLU B 146 -3.56 17.08 -6.92
CA GLU B 146 -2.25 17.61 -6.48
C GLU B 146 -2.48 18.93 -5.71
N GLY B 155 -8.91 16.80 -3.65
CA GLY B 155 -9.43 16.76 -2.26
C GLY B 155 -9.25 15.39 -1.63
N GLN B 156 -10.02 15.17 -0.59
CA GLN B 156 -10.04 13.88 0.16
C GLN B 156 -11.33 13.15 -0.16
N PRO B 157 -11.17 11.87 -0.56
CA PRO B 157 -12.32 11.05 -0.94
C PRO B 157 -13.17 10.75 0.26
N SER B 158 -14.34 10.21 0.01
CA SER B 158 -15.27 9.78 1.07
C SER B 158 -14.99 8.29 1.30
N VAL B 159 -14.55 7.60 0.24
CA VAL B 159 -14.28 6.14 0.40
C VAL B 159 -12.97 5.76 -0.30
N LEU B 160 -12.52 4.52 0.03
CA LEU B 160 -11.26 4.08 -0.60
C LEU B 160 -11.38 4.24 -2.09
N GLN B 161 -10.33 4.63 -2.74
CA GLN B 161 -10.18 4.86 -4.19
C GLN B 161 -9.16 3.84 -4.72
N VAL B 162 -9.20 3.54 -5.96
CA VAL B 162 -8.31 2.59 -6.63
C VAL B 162 -7.83 3.07 -7.95
N VAL B 163 -6.71 2.64 -8.45
CA VAL B 163 -6.27 3.01 -9.81
C VAL B 163 -5.43 1.86 -10.33
N ASN B 164 -5.37 1.52 -11.55
CA ASN B 164 -4.53 0.48 -12.18
C ASN B 164 -3.47 1.24 -13.01
N LEU B 165 -2.19 1.04 -12.93
CA LEU B 165 -1.19 1.85 -13.68
C LEU B 165 -0.14 0.94 -14.19
N PRO B 166 0.46 1.20 -15.31
CA PRO B 166 1.51 0.28 -15.81
C PRO B 166 2.84 0.46 -15.17
N ILE B 167 3.64 -0.60 -15.13
CA ILE B 167 5.02 -0.50 -14.65
C ILE B 167 5.81 0.14 -15.81
N VAL B 168 6.65 1.08 -15.45
CA VAL B 168 7.49 1.82 -16.45
C VAL B 168 8.92 1.32 -16.44
N GLU B 169 9.59 1.32 -17.57
CA GLU B 169 11.01 0.91 -17.73
C GLU B 169 11.90 1.78 -16.87
N ARG B 170 12.91 1.25 -16.26
CA ARG B 170 13.82 1.88 -15.32
C ARG B 170 14.46 3.18 -15.82
N PRO B 171 14.87 3.18 -17.09
CA PRO B 171 15.52 4.30 -17.75
C PRO B 171 14.61 5.52 -17.78
N VAL B 172 13.39 5.23 -18.17
CA VAL B 172 12.34 6.22 -18.29
C VAL B 172 12.11 6.77 -16.88
N CYS B 173 12.21 5.88 -15.91
CA CYS B 173 12.03 6.31 -14.50
C CYS B 173 13.15 7.28 -14.13
N LYS B 174 14.39 6.89 -14.38
CA LYS B 174 15.57 7.71 -14.05
C LYS B 174 15.54 9.10 -14.68
N ASP B 175 15.16 9.15 -15.95
CA ASP B 175 15.10 10.33 -16.81
C ASP B 175 14.02 11.32 -16.50
N SER B 176 13.15 11.01 -15.56
CA SER B 176 12.01 11.83 -15.19
C SER B 176 12.32 12.68 -14.00
N THR B 177 13.45 12.36 -13.36
CA THR B 177 13.78 13.07 -12.13
C THR B 177 15.27 13.23 -11.90
N ARG B 178 15.50 14.14 -10.96
CA ARG B 178 16.84 14.44 -10.46
C ARG B 178 17.21 13.60 -9.25
N ILE B 179 16.28 13.01 -8.52
CA ILE B 179 16.57 12.15 -7.35
C ILE B 179 17.26 10.86 -7.82
N ARG B 180 18.29 10.46 -7.07
CA ARG B 180 18.96 9.18 -7.44
C ARG B 180 18.04 8.00 -7.06
N ILE B 181 17.75 7.23 -8.06
CA ILE B 181 16.85 6.01 -8.12
C ILE B 181 17.75 4.77 -7.86
N THR B 182 17.34 3.87 -6.98
CA THR B 182 18.08 2.64 -6.63
C THR B 182 17.35 1.39 -7.07
N ASP B 183 17.93 0.21 -6.87
CA ASP B 183 17.26 -1.06 -7.24
C ASP B 183 16.09 -1.38 -6.31
N ASN B 184 16.01 -0.86 -5.12
CA ASN B 184 14.89 -1.08 -4.23
C ASN B 184 13.68 -0.21 -4.60
N MET B 185 13.63 0.24 -5.80
CA MET B 185 12.53 1.14 -6.22
C MET B 185 12.09 0.77 -7.64
N PHE B 186 10.81 1.04 -7.91
CA PHE B 186 10.31 0.95 -9.27
C PHE B 186 9.39 2.17 -9.43
N CYS B 187 9.13 2.58 -10.68
CA CYS B 187 8.11 3.67 -10.83
C CYS B 187 6.98 3.12 -11.73
N ALA B 188 5.82 3.74 -11.63
CA ALA B 188 4.65 3.40 -12.42
C ALA B 188 3.77 4.61 -12.73
N GLY B 189 3.15 4.56 -13.90
CA GLY B 189 2.21 5.57 -14.37
C GLY B 189 2.18 5.47 -15.87
N TYR B 190 1.25 6.15 -16.50
CA TYR B 190 1.16 6.19 -17.97
C TYR B 190 2.13 7.31 -18.44
N LYS B 191 2.49 7.24 -19.68
CA LYS B 191 3.29 8.21 -20.44
C LYS B 191 2.33 9.26 -21.03
N PRO B 192 2.78 10.51 -20.93
CA PRO B 192 2.04 11.71 -21.35
C PRO B 192 1.30 11.43 -22.65
N ASP B 193 2.09 10.70 -23.45
CA ASP B 193 1.49 10.32 -24.76
C ASP B 193 0.27 9.47 -24.45
N GLU B 194 0.48 8.22 -24.12
CA GLU B 194 -0.43 7.14 -23.86
C GLU B 194 -1.85 7.57 -23.53
N GLY B 195 -1.92 8.83 -23.12
CA GLY B 195 -3.20 9.46 -22.76
C GLY B 195 -4.12 8.39 -22.14
N LYS B 196 -4.08 8.45 -20.84
CA LYS B 196 -4.73 7.74 -19.75
C LYS B 196 -3.87 8.28 -18.59
N ARG B 197 -4.44 8.67 -17.50
CA ARG B 197 -3.93 9.26 -16.30
C ARG B 197 -4.10 8.41 -15.03
N GLY B 198 -3.63 8.99 -13.95
CA GLY B 198 -3.72 8.51 -12.62
C GLY B 198 -2.35 8.33 -11.97
N ASP B 199 -2.44 8.35 -10.68
CA ASP B 199 -1.30 8.26 -9.78
C ASP B 199 -1.89 8.24 -8.34
N ALA B 200 -0.96 7.97 -7.46
CA ALA B 200 -1.05 8.00 -6.03
C ALA B 200 -0.85 9.52 -5.69
N CYS B 201 -1.10 9.91 -4.49
CA CYS B 201 -0.91 11.33 -4.10
C CYS B 201 -0.68 11.37 -2.61
N GLU B 202 -0.39 12.55 -2.09
CA GLU B 202 -0.14 12.68 -0.64
C GLU B 202 -1.24 12.06 0.15
N GLY B 203 -0.98 11.31 1.18
CA GLY B 203 -1.99 10.61 1.98
C GLY B 203 -2.10 9.14 1.58
N ASP B 204 -1.69 8.74 0.39
CA ASP B 204 -1.61 7.34 -0.08
C ASP B 204 -0.38 6.56 0.43
N SER B 205 0.74 7.27 0.69
CA SER B 205 1.94 6.71 1.31
C SER B 205 1.61 5.51 2.22
N GLY B 206 2.46 4.52 1.99
CA GLY B 206 2.58 3.25 2.67
C GLY B 206 1.54 2.23 2.29
N GLY B 207 0.73 2.51 1.33
CA GLY B 207 -0.28 1.56 0.87
C GLY B 207 0.40 0.66 -0.16
N PRO B 208 -0.38 -0.35 -0.56
CA PRO B 208 0.08 -1.33 -1.50
C PRO B 208 -0.10 -1.08 -2.95
N PHE B 209 0.82 -1.60 -3.71
CA PHE B 209 0.76 -1.69 -5.19
C PHE B 209 0.67 -3.26 -5.34
N VAL B 210 -0.47 -3.73 -5.79
CA VAL B 210 -0.61 -5.24 -5.83
C VAL B 210 -0.84 -5.58 -7.27
N MET B 211 -0.65 -6.84 -7.52
CA MET B 211 -0.81 -7.48 -8.83
C MET B 211 -1.50 -8.84 -8.55
N LYS B 212 -2.28 -9.26 -9.48
CA LYS B 212 -3.01 -10.55 -9.42
C LYS B 212 -2.26 -11.52 -10.33
N SER B 213 -1.79 -12.62 -9.74
CA SER B 213 -1.07 -13.61 -10.58
C SER B 213 -2.06 -14.35 -11.49
N PRO B 214 -1.65 -14.48 -12.72
CA PRO B 214 -2.45 -15.25 -13.70
C PRO B 214 -2.26 -16.79 -13.57
N PHE B 215 -1.36 -17.27 -12.77
CA PHE B 215 -0.96 -18.65 -12.56
C PHE B 215 -1.83 -19.34 -11.50
N ASN B 216 -1.93 -18.66 -10.36
CA ASN B 216 -2.68 -19.11 -9.20
C ASN B 216 -3.84 -18.21 -8.78
N ASN B 217 -4.01 -17.08 -9.45
CA ASN B 217 -5.09 -16.15 -9.18
C ASN B 217 -5.06 -15.42 -7.88
N ARG B 218 -3.92 -15.40 -7.26
CA ARG B 218 -3.78 -14.74 -5.95
C ARG B 218 -3.26 -13.31 -6.17
N TRP B 219 -3.49 -12.51 -5.16
CA TRP B 219 -3.04 -11.08 -5.23
C TRP B 219 -1.74 -11.04 -4.39
N TYR B 220 -0.78 -10.44 -5.02
CA TYR B 220 0.58 -10.32 -4.40
C TYR B 220 0.92 -8.84 -4.22
N GLN B 221 1.55 -8.46 -3.16
CA GLN B 221 1.96 -7.03 -3.02
C GLN B 221 3.37 -6.89 -3.65
N MET B 222 3.48 -6.13 -4.73
CA MET B 222 4.79 -5.87 -5.34
C MET B 222 5.43 -4.58 -4.85
N GLY B 223 4.65 -3.57 -4.41
CA GLY B 223 5.19 -2.28 -3.99
C GLY B 223 4.48 -1.64 -2.87
N ILE B 224 5.08 -0.56 -2.36
CA ILE B 224 4.52 0.29 -1.25
C ILE B 224 4.61 1.72 -1.83
N VAL B 225 3.54 2.48 -1.73
CA VAL B 225 3.53 3.90 -2.20
C VAL B 225 4.65 4.60 -1.44
N SER B 226 5.62 5.22 -2.12
CA SER B 226 6.73 5.81 -1.41
C SER B 226 6.87 7.31 -1.56
N TRP B 227 7.05 7.73 -2.79
CA TRP B 227 7.26 9.15 -3.10
C TRP B 227 6.95 9.47 -4.54
N GLY B 228 6.96 10.78 -4.78
CA GLY B 228 6.74 11.35 -6.10
C GLY B 228 6.88 12.88 -5.99
N GLU B 229 6.65 13.48 -7.12
CA GLU B 229 6.78 14.99 -7.19
C GLU B 229 5.53 15.52 -7.85
N GLY B 230 4.67 16.03 -7.00
CA GLY B 230 3.30 16.45 -7.50
C GLY B 230 2.54 15.12 -7.57
N CYS B 231 1.47 15.06 -8.26
CA CYS B 231 0.58 13.93 -8.51
C CYS B 231 0.01 14.12 -9.93
N ASP B 232 0.06 13.08 -10.71
CA ASP B 232 -0.42 12.94 -12.05
C ASP B 232 0.09 14.00 -13.01
N ARG B 233 1.34 14.48 -12.80
CA ARG B 233 1.91 15.42 -13.77
C ARG B 233 2.39 14.70 -14.99
N ASP B 234 2.30 15.34 -16.15
CA ASP B 234 2.80 14.66 -17.37
C ASP B 234 4.31 14.51 -17.23
N GLY B 235 4.81 13.38 -17.69
CA GLY B 235 6.16 12.94 -17.69
C GLY B 235 6.78 12.65 -16.34
N LYS B 236 5.99 12.63 -15.29
CA LYS B 236 6.35 12.28 -13.94
C LYS B 236 5.64 10.96 -13.55
N TYR B 237 6.27 10.13 -12.73
CA TYR B 237 5.86 8.84 -12.28
C TYR B 237 5.92 8.68 -10.76
N GLY B 238 5.07 7.76 -10.32
CA GLY B 238 5.02 7.40 -8.86
C GLY B 238 6.17 6.42 -8.63
N PHE B 239 6.75 6.43 -7.45
CA PHE B 239 7.84 5.58 -7.02
C PHE B 239 7.40 4.77 -5.81
N TYR B 240 7.65 3.48 -5.90
CA TYR B 240 7.25 2.51 -4.88
C TYR B 240 8.45 1.75 -4.36
N THR B 241 8.38 1.33 -3.12
CA THR B 241 9.41 0.46 -2.54
C THR B 241 9.28 -0.91 -3.20
N HIS B 242 10.28 -1.52 -3.72
CA HIS B 242 10.27 -2.85 -4.36
C HIS B 242 10.34 -3.94 -3.26
N VAL B 243 9.20 -4.43 -2.85
CA VAL B 243 8.95 -5.39 -1.81
C VAL B 243 9.80 -6.66 -2.03
N PHE B 244 9.77 -7.23 -3.19
CA PHE B 244 10.59 -8.46 -3.38
C PHE B 244 12.06 -8.21 -3.09
N ARG B 245 12.65 -7.09 -3.47
CA ARG B 245 14.05 -6.80 -3.16
C ARG B 245 14.27 -6.72 -1.66
N LEU B 246 13.28 -6.43 -0.84
CA LEU B 246 13.45 -6.36 0.59
C LEU B 246 12.91 -7.53 1.36
N LYS B 247 12.46 -8.58 0.69
CA LYS B 247 11.85 -9.73 1.37
C LYS B 247 12.74 -10.42 2.37
N LYS B 248 14.05 -10.50 2.10
CA LYS B 248 14.92 -11.15 3.08
C LYS B 248 14.77 -10.43 4.42
N TRP B 249 14.83 -9.10 4.35
CA TRP B 249 14.76 -8.42 5.67
C TRP B 249 13.43 -8.73 6.34
N ILE B 250 12.37 -8.84 5.52
CA ILE B 250 11.03 -9.13 6.01
C ILE B 250 10.91 -10.54 6.61
N GLN B 251 11.33 -11.51 5.79
CA GLN B 251 11.33 -12.93 6.24
C GLN B 251 11.98 -12.94 7.64
N LYS B 252 13.20 -12.44 7.58
CA LYS B 252 14.08 -12.28 8.69
C LYS B 252 13.46 -11.73 9.93
N VAL B 253 12.85 -10.56 10.01
CA VAL B 253 12.30 -10.04 11.27
C VAL B 253 11.11 -10.83 11.78
N ILE B 254 10.42 -11.44 10.83
CA ILE B 254 9.22 -12.22 11.24
C ILE B 254 9.63 -13.44 12.01
N ASP B 255 10.77 -14.07 11.66
CA ASP B 255 11.18 -15.21 12.47
C ASP B 255 11.91 -14.84 13.76
N GLN B 256 12.72 -13.83 13.79
CA GLN B 256 13.44 -13.38 15.00
C GLN B 256 12.41 -12.89 16.01
N PHE B 257 11.59 -12.00 15.51
CA PHE B 257 10.59 -11.28 16.31
C PHE B 257 9.22 -11.85 16.42
N GLY B 258 9.01 -12.99 15.79
CA GLY B 258 7.73 -13.71 15.91
C GLY B 258 6.79 -13.43 14.75
N ASP C 3 -12.30 15.97 10.53
CA ASP C 3 -13.64 15.56 10.02
C ASP C 3 -13.83 14.06 10.27
N PHE C 4 -12.96 13.51 11.11
CA PHE C 4 -12.99 12.09 11.47
C PHE C 4 -14.04 11.89 12.55
N GLU C 5 -14.97 10.97 12.29
CA GLU C 5 -15.95 10.62 13.34
C GLU C 5 -15.07 9.98 14.43
N GLU C 6 -15.44 10.35 15.61
CA GLU C 6 -14.83 9.94 16.89
C GLU C 6 -14.84 8.44 16.98
N ILE C 7 -13.80 7.84 17.56
CA ILE C 7 -13.74 6.38 17.73
C ILE C 7 -13.97 6.05 19.21
N PRO C 8 -14.38 4.84 19.54
CA PRO C 8 -14.59 4.35 20.89
C PRO C 8 -13.33 4.31 21.75
N GLU C 9 -13.47 4.96 22.89
CA GLU C 9 -12.48 5.17 23.92
C GLU C 9 -11.67 3.96 24.28
N GLU C 10 -12.26 2.77 24.29
CA GLU C 10 -11.43 1.62 24.71
C GLU C 10 -10.28 1.53 23.71
N TYS C 11 -10.39 2.31 22.64
CA TYS C 11 -9.32 2.23 21.60
CB TYS C 11 -9.96 2.48 20.21
CG TYS C 11 -10.75 1.21 19.83
CD1 TYS C 11 -10.09 -0.02 19.98
CD2 TYS C 11 -12.10 1.27 19.51
CE1 TYS C 11 -10.79 -1.21 19.73
CE2 TYS C 11 -12.79 0.09 19.24
CZ TYS C 11 -12.13 -1.12 19.38
OH TYS C 11 -12.83 -2.24 19.05
S TYS C 11 -13.06 -2.52 17.44
O1 TYS C 11 -13.35 -1.31 16.76
O2 TYS C 11 -11.87 -3.26 17.12
O3 TYS C 11 -14.32 -3.31 17.42
C TYS C 11 -8.15 3.10 21.95
O TYS C 11 -7.01 2.88 21.47
N LEU C 12 -8.42 4.05 22.84
CA LEU C 12 -7.39 4.98 23.35
C LEU C 12 -6.78 4.43 24.64
NA NA D . 2.40 11.23 -14.89
NA NA E . 17.46 11.72 -13.72
C1 00L F . 7.33 11.63 0.67
N1 00L F . 8.59 13.64 1.07
O1 00L F . 7.30 12.38 -2.02
C2 00L F . 7.79 11.67 2.13
N2 00L F . 8.09 12.77 0.08
O2 00L F . 5.41 12.86 0.20
C3 00L F . 8.93 12.74 2.19
N3 00L F . 7.63 14.94 -2.72
C4 00L F . 9.66 14.50 0.48
C5 00L F . 9.22 15.21 -0.82
C6 00L F . 8.71 14.29 -1.90
C7 00L F . 8.01 13.04 -1.28
C8 00L F . 5.84 11.70 0.37
C9 00L F . 9.74 13.96 -3.01
C10 00L F . 11.07 13.44 -2.46
C15 00L F . 11.34 12.08 -2.29
C14 00L F . 12.59 11.62 -1.82
C13 00L F . 13.57 12.51 -1.41
C12 00L F . 13.32 13.87 -1.58
C11 00L F . 12.11 14.35 -2.12
C 00L F . 2.69 10.25 1.00
N 00L F . 4.99 10.63 0.21
O 00L F . 1.43 10.05 0.93
CA 00L F . 3.57 10.74 -0.18
CB 00L F . 3.20 9.86 -1.40
CD 00L F . 3.26 9.95 -3.91
NE 00L F . 3.19 10.81 -5.04
CG 00L F . 3.43 10.64 -2.66
CZ 00L F . 3.07 10.48 -6.30
O1X 00L F . 4.00 10.50 2.96
C9X 00L F . 3.09 10.91 2.32
NH1 00L F . 3.02 9.17 -6.62
NH2 00L F . 2.90 11.39 -7.27
C1X 00L F . 0.26 12.49 4.72
C6X 00L F . 0.06 13.50 3.77
C5X 00L F . -1.25 13.84 3.40
C4X 00L F . -2.36 13.18 4.00
C3X 00L F . -2.13 12.14 4.93
C2X 00L F . -0.81 11.77 5.29
C7X 00L F . 1.74 12.09 5.08
C8X 00L F . 2.56 12.71 3.88
N1X 00L F . 2.17 12.02 2.63
#